data_3SFV
#
_entry.id   3SFV
#
_cell.length_a   154.314
_cell.length_b   54.673
_cell.length_c   61.699
_cell.angle_alpha   90.00
_cell.angle_beta   90.00
_cell.angle_gamma   90.00
#
_symmetry.space_group_name_H-M   'P 21 21 21'
#
loop_
_entity.id
_entity.type
_entity.pdbx_description
1 polymer 'Ras-related protein Rab-1A'
2 polymer 'LidA protein, substrate of the Dot/Icm system'
3 non-polymer "GUANOSINE-5'-DIPHOSPHATE"
4 water water
#
loop_
_entity_poly.entity_id
_entity_poly.type
_entity_poly.pdbx_seq_one_letter_code
_entity_poly.pdbx_strand_id
1 'polypeptide(L)'
;GPLGSMSSMNPEYDYLFKLLLIGDSGVGKNCLLLRFADDTYTESYISTIGVDFKIRTIELDGKTIKLQIWDTAGQERFRT
ITSSYYRGAHGIIVVYDVTDQESFNNVKQWLQEIDRYASENVNKLLVGNKCDLTTKKVVDYTTAKEFADSLGIPFLETSA
KNATNVEQSFMTMAAEIKKRM
;
A
2 'polypeptide(L)'
;KKLDKLERQGKDLEDKYKTYEENLEGFEKLLTDSEELSLSEINEKMKAFSKDSEKLTQLMEKHKGDEKTVQSLQREHHDI
KAKLANLQVLHDAHTGKKSYVNEKGNPVSSLKDAHLAINKDQEVVEHKGQFYLLQKGQWDAIKNDPAALEKAQKDYSQSK
HDLATIKMEALIHKLSLEMEKQLETINDLIMSTDPKENEEATKLLHKHNGLNLKLANLQDMLAVHRKEKSFFNEKGEKVT
SLNDAHYVIGKDQQLFNLGGKFYPIHKEQKILEKDGKFYLLKQGEDWESIKDSPEKQKKAEHDFHKLQYETPMTVKKLVH
HNKGLETTIHKERIEELEHHHHHH
;
B
#
# COMPACT_ATOMS: atom_id res chain seq x y z
N LEU A 3 -15.47 29.83 -11.30
CA LEU A 3 -15.06 30.82 -10.32
C LEU A 3 -16.26 31.59 -9.75
N GLY A 4 -17.24 31.85 -10.61
CA GLY A 4 -18.53 32.34 -10.15
C GLY A 4 -18.91 33.71 -10.66
N SER A 5 -19.94 33.76 -11.50
CA SER A 5 -20.57 35.02 -11.90
C SER A 5 -22.03 34.96 -11.48
N MET A 6 -22.82 35.95 -11.89
CA MET A 6 -24.24 35.94 -11.56
C MET A 6 -25.02 34.98 -12.45
N SER A 7 -24.45 34.65 -13.61
CA SER A 7 -25.13 33.83 -14.61
C SER A 7 -24.70 32.37 -14.54
N SER A 8 -23.50 32.15 -14.01
CA SER A 8 -22.99 30.80 -13.81
C SER A 8 -22.29 30.69 -12.46
N MET A 9 -23.05 30.28 -11.45
CA MET A 9 -22.53 30.17 -10.10
C MET A 9 -22.17 28.73 -9.80
N ASN A 10 -21.04 28.53 -9.13
CA ASN A 10 -20.68 27.20 -8.65
C ASN A 10 -21.58 26.79 -7.49
N PRO A 11 -21.84 25.49 -7.36
CA PRO A 11 -22.69 24.99 -6.27
C PRO A 11 -22.02 25.15 -4.92
N GLU A 12 -22.78 25.49 -3.89
CA GLU A 12 -22.25 25.59 -2.54
C GLU A 12 -22.49 24.28 -1.81
N TYR A 13 -21.87 24.11 -0.65
CA TYR A 13 -22.14 22.93 0.18
C TYR A 13 -22.22 23.32 1.64
N ASP A 14 -22.92 22.52 2.44
CA ASP A 14 -23.18 22.78 3.84
C ASP A 14 -22.30 21.90 4.72
N TYR A 15 -21.83 20.80 4.16
CA TYR A 15 -20.95 19.85 4.85
C TYR A 15 -19.92 19.31 3.85
N LEU A 16 -18.72 18.97 4.33
CA LEU A 16 -17.67 18.37 3.50
C LEU A 16 -17.05 17.21 4.29
N PHE A 17 -17.47 15.98 3.99
CA PHE A 17 -16.99 14.80 4.71
C PHE A 17 -15.93 14.04 3.92
N LYS A 18 -14.91 13.55 4.63
CA LYS A 18 -13.86 12.73 4.02
C LYS A 18 -14.07 11.29 4.47
N LEU A 19 -14.20 10.39 3.49
CA LEU A 19 -14.46 8.97 3.74
C LEU A 19 -13.32 8.16 3.20
N LEU A 20 -12.96 7.08 3.89
CA LEU A 20 -11.92 6.18 3.40
C LEU A 20 -12.54 4.82 3.20
N LEU A 21 -12.17 4.14 2.11
CA LEU A 21 -12.54 2.73 1.91
C LEU A 21 -11.33 1.87 2.23
N ILE A 22 -11.51 0.90 3.13
CA ILE A 22 -10.44 -0.06 3.43
C ILE A 22 -10.98 -1.49 3.38
N GLY A 23 -10.07 -2.44 3.26
CA GLY A 23 -10.40 -3.86 3.21
C GLY A 23 -9.44 -4.60 2.28
N ASP A 24 -9.50 -5.94 2.25
CA ASP A 24 -8.55 -6.72 1.44
C ASP A 24 -8.54 -6.32 -0.04
N SER A 25 -7.40 -6.47 -0.71
CA SER A 25 -7.38 -6.31 -2.15
C SER A 25 -8.33 -7.27 -2.83
N GLY A 26 -9.09 -6.75 -3.78
CA GLY A 26 -10.00 -7.56 -4.57
C GLY A 26 -11.46 -7.58 -4.12
N VAL A 27 -11.77 -6.94 -2.99
CA VAL A 27 -13.13 -7.01 -2.46
C VAL A 27 -14.12 -6.12 -3.20
N GLY A 28 -13.59 -5.10 -3.87
CA GLY A 28 -14.40 -4.22 -4.69
C GLY A 28 -14.42 -2.78 -4.24
N LYS A 29 -13.42 -2.35 -3.48
CA LYS A 29 -13.41 -0.95 -3.01
C LYS A 29 -13.40 0.01 -4.19
N ASN A 30 -12.52 -0.23 -5.15
CA ASN A 30 -12.44 0.67 -6.29
C ASN A 30 -13.74 0.64 -7.11
N CYS A 31 -14.35 -0.53 -7.23
CA CYS A 31 -15.60 -0.62 -7.99
C CYS A 31 -16.74 0.11 -7.29
N LEU A 32 -16.79 0.03 -5.96
CA LEU A 32 -17.75 0.80 -5.19
C LEU A 32 -17.55 2.29 -5.38
N LEU A 33 -16.29 2.72 -5.32
CA LEU A 33 -15.94 4.13 -5.54
C LEU A 33 -16.41 4.60 -6.91
N LEU A 34 -16.07 3.84 -7.95
CA LEU A 34 -16.41 4.22 -9.33
C LEU A 34 -17.91 4.15 -9.64
N ARG A 35 -18.59 3.15 -9.10
CA ARG A 35 -20.06 3.09 -9.25
C ARG A 35 -20.73 4.29 -8.59
N PHE A 36 -20.32 4.62 -7.38
CA PHE A 36 -20.93 5.74 -6.66
C PHE A 36 -20.60 7.08 -7.30
N ALA A 37 -19.34 7.30 -7.64
CA ALA A 37 -18.89 8.61 -8.14
C ALA A 37 -19.11 8.85 -9.63
N ASP A 38 -19.05 7.79 -10.43
CA ASP A 38 -19.04 7.94 -11.89
C ASP A 38 -20.15 7.12 -12.55
N ASP A 39 -20.77 6.23 -11.79
CA ASP A 39 -21.78 5.30 -12.33
C ASP A 39 -21.24 4.44 -13.46
N THR A 40 -20.00 3.98 -13.32
CA THR A 40 -19.39 3.05 -14.27
C THR A 40 -19.01 1.76 -13.56
N TYR A 41 -18.82 0.71 -14.34
CA TYR A 41 -18.32 -0.56 -13.82
C TYR A 41 -17.59 -1.31 -14.91
N THR A 42 -16.46 -1.92 -14.55
CA THR A 42 -15.82 -2.87 -15.45
C THR A 42 -15.47 -4.13 -14.66
N GLU A 43 -15.59 -5.28 -15.32
CA GLU A 43 -15.18 -6.54 -14.73
C GLU A 43 -13.66 -6.67 -14.72
N SER A 44 -12.98 -5.87 -15.54
CA SER A 44 -11.54 -5.99 -15.70
C SER A 44 -10.76 -5.43 -14.51
N TYR A 45 -9.99 -6.29 -13.86
CA TYR A 45 -9.21 -5.87 -12.69
C TYR A 45 -7.97 -5.06 -13.06
N ILE A 46 -7.78 -3.96 -12.34
CA ILE A 46 -6.59 -3.13 -12.47
C ILE A 46 -6.04 -2.84 -11.08
N SER A 47 -4.79 -3.25 -10.86
CA SER A 47 -4.11 -3.09 -9.57
C SER A 47 -3.99 -1.60 -9.29
N THR A 48 -3.94 -1.24 -8.01
CA THR A 48 -3.69 0.14 -7.64
C THR A 48 -2.21 0.31 -7.33
N ILE A 49 -1.65 1.48 -7.66
CA ILE A 49 -0.27 1.75 -7.29
C ILE A 49 -0.20 2.83 -6.21
N GLY A 50 -1.36 3.21 -5.68
CA GLY A 50 -1.45 4.26 -4.69
C GLY A 50 -2.91 4.54 -4.37
N VAL A 51 -3.17 5.64 -3.68
CA VAL A 51 -4.54 5.96 -3.34
C VAL A 51 -5.23 6.63 -4.51
N ASP A 52 -6.56 6.70 -4.45
CA ASP A 52 -7.32 7.50 -5.41
C ASP A 52 -8.39 8.21 -4.64
N PHE A 53 -8.90 9.32 -5.17
CA PHE A 53 -10.09 9.90 -4.59
C PHE A 53 -11.04 10.28 -5.69
N LYS A 54 -12.32 10.33 -5.36
CA LYS A 54 -13.35 10.88 -6.24
C LYS A 54 -14.21 11.80 -5.41
N ILE A 55 -14.95 12.66 -6.10
CA ILE A 55 -15.87 13.57 -5.43
C ILE A 55 -17.31 13.27 -5.83
N ARG A 56 -18.22 13.31 -4.87
CA ARG A 56 -19.65 13.32 -5.17
C ARG A 56 -20.44 14.09 -4.12
N THR A 57 -21.36 14.94 -4.60
CA THR A 57 -22.20 15.73 -3.74
C THR A 57 -23.61 15.15 -3.67
N ILE A 58 -24.13 14.96 -2.46
CA ILE A 58 -25.47 14.42 -2.23
C ILE A 58 -26.34 15.41 -1.48
N GLU A 59 -27.65 15.20 -1.57
CA GLU A 59 -28.62 15.95 -0.78
C GLU A 59 -29.18 15.05 0.31
N LEU A 60 -29.18 15.53 1.55
CA LEU A 60 -29.68 14.77 2.68
C LEU A 60 -30.24 15.69 3.77
N ASP A 61 -31.48 15.43 4.19
CA ASP A 61 -32.11 16.16 5.28
C ASP A 61 -32.05 17.67 5.07
N GLY A 62 -32.33 18.11 3.84
CA GLY A 62 -32.40 19.53 3.56
C GLY A 62 -31.05 20.22 3.50
N LYS A 63 -29.99 19.43 3.35
CA LYS A 63 -28.63 19.96 3.28
C LYS A 63 -27.79 19.34 2.16
N THR A 64 -26.84 20.12 1.67
CA THR A 64 -25.96 19.68 0.60
C THR A 64 -24.65 19.18 1.20
N ILE A 65 -24.30 17.92 0.93
CA ILE A 65 -23.09 17.32 1.49
C ILE A 65 -22.11 16.92 0.39
N LYS A 66 -20.93 17.55 0.40
CA LYS A 66 -19.87 17.19 -0.54
C LYS A 66 -19.08 16.06 0.12
N LEU A 67 -18.89 14.97 -0.63
CA LEU A 67 -18.09 13.85 -0.14
C LEU A 67 -16.78 13.74 -0.93
N GLN A 68 -15.65 13.62 -0.23
CA GLN A 68 -14.39 13.23 -0.87
C GLN A 68 -14.09 11.83 -0.38
N ILE A 69 -14.07 10.87 -1.30
CA ILE A 69 -13.99 9.45 -0.97
C ILE A 69 -12.65 8.89 -1.46
N TRP A 70 -11.87 8.33 -0.54
CA TRP A 70 -10.52 7.88 -0.85
C TRP A 70 -10.47 6.37 -0.80
N ASP A 71 -9.85 5.77 -1.82
CA ASP A 71 -9.60 4.33 -1.90
C ASP A 71 -8.13 4.11 -1.52
N THR A 72 -7.89 3.20 -0.59
CA THR A 72 -6.54 2.93 -0.10
C THR A 72 -5.79 1.91 -0.99
N ALA A 73 -4.48 1.83 -0.86
CA ALA A 73 -3.66 0.95 -1.69
C ALA A 73 -3.64 -0.48 -1.16
N GLY A 74 -3.25 -1.42 -2.02
CA GLY A 74 -3.34 -2.85 -1.73
C GLY A 74 -2.03 -3.53 -1.34
N GLN A 75 -1.03 -3.48 -2.21
CA GLN A 75 0.25 -4.11 -1.89
C GLN A 75 1.06 -3.28 -0.89
N GLU A 76 1.77 -3.94 0.02
CA GLU A 76 2.54 -3.20 1.02
C GLU A 76 3.50 -2.17 0.45
N ARG A 77 4.14 -2.48 -0.68
CA ARG A 77 5.09 -1.55 -1.28
C ARG A 77 4.42 -0.23 -1.67
N PHE A 78 3.10 -0.25 -1.85
CA PHE A 78 2.37 0.97 -2.24
C PHE A 78 1.65 1.64 -1.06
N ARG A 79 1.88 1.14 0.15
CA ARG A 79 1.12 1.58 1.32
C ARG A 79 1.92 2.35 2.38
N THR A 80 3.10 2.83 2.02
CA THR A 80 3.99 3.46 2.99
C THR A 80 3.31 4.49 3.90
N ILE A 81 2.55 5.42 3.32
CA ILE A 81 2.03 6.53 4.10
C ILE A 81 0.53 6.43 4.39
N THR A 82 0.04 5.20 4.51
CA THR A 82 -1.37 4.94 4.82
C THR A 82 -1.90 5.77 5.98
N SER A 83 -1.13 5.89 7.05
CA SER A 83 -1.58 6.66 8.22
C SER A 83 -1.94 8.11 7.90
N SER A 84 -1.29 8.70 6.90
CA SER A 84 -1.56 10.09 6.52
C SER A 84 -2.97 10.30 5.93
N TYR A 85 -3.48 9.27 5.25
CA TYR A 85 -4.78 9.39 4.60
C TYR A 85 -5.93 9.44 5.64
N TYR A 86 -5.68 8.92 6.84
CA TYR A 86 -6.68 8.96 7.91
C TYR A 86 -6.84 10.35 8.53
N ARG A 87 -5.85 11.22 8.30
CA ARG A 87 -5.94 12.58 8.82
C ARG A 87 -7.15 13.28 8.23
N GLY A 88 -8.06 13.71 9.10
CA GLY A 88 -9.24 14.43 8.66
C GLY A 88 -10.39 13.51 8.25
N ALA A 89 -10.19 12.21 8.29
CA ALA A 89 -11.28 11.31 7.89
C ALA A 89 -12.44 11.27 8.89
N HIS A 90 -13.65 11.44 8.39
CA HIS A 90 -14.86 11.46 9.22
C HIS A 90 -15.50 10.08 9.34
N GLY A 91 -15.33 9.27 8.29
CA GLY A 91 -15.93 7.95 8.24
C GLY A 91 -15.08 6.94 7.49
N ILE A 92 -15.03 5.72 8.00
CA ILE A 92 -14.31 4.63 7.35
C ILE A 92 -15.30 3.53 6.98
N ILE A 93 -15.31 3.14 5.72
CA ILE A 93 -16.14 2.03 5.26
C ILE A 93 -15.24 0.82 5.09
N VAL A 94 -15.50 -0.22 5.91
CA VAL A 94 -14.74 -1.45 5.85
C VAL A 94 -15.47 -2.43 4.93
N VAL A 95 -14.81 -2.84 3.85
CA VAL A 95 -15.43 -3.69 2.84
C VAL A 95 -14.86 -5.10 2.90
N TYR A 96 -15.75 -6.10 2.88
CA TYR A 96 -15.32 -7.47 2.57
C TYR A 96 -16.09 -7.99 1.35
N ASP A 97 -15.73 -9.18 0.90
CA ASP A 97 -16.29 -9.80 -0.29
C ASP A 97 -17.10 -10.99 0.21
N VAL A 98 -18.41 -11.00 -0.06
CA VAL A 98 -19.27 -12.05 0.49
C VAL A 98 -18.93 -13.43 -0.08
N THR A 99 -18.11 -13.45 -1.14
CA THR A 99 -17.69 -14.71 -1.75
C THR A 99 -16.35 -15.17 -1.21
N ASP A 100 -15.78 -14.39 -0.28
CA ASP A 100 -14.43 -14.67 0.21
C ASP A 100 -14.36 -14.64 1.72
N GLN A 101 -14.36 -15.83 2.33
CA GLN A 101 -14.32 -15.93 3.79
C GLN A 101 -13.12 -15.22 4.41
N GLU A 102 -11.96 -15.29 3.76
CA GLU A 102 -10.75 -14.66 4.26
C GLU A 102 -10.93 -13.14 4.43
N SER A 103 -11.58 -12.49 3.46
CA SER A 103 -11.79 -11.05 3.55
C SER A 103 -12.65 -10.66 4.77
N PHE A 104 -13.61 -11.51 5.11
CA PHE A 104 -14.45 -11.27 6.29
C PHE A 104 -13.67 -11.51 7.57
N ASN A 105 -12.88 -12.57 7.62
CA ASN A 105 -12.05 -12.83 8.80
C ASN A 105 -11.07 -11.69 9.05
N ASN A 106 -10.65 -11.03 7.97
CA ASN A 106 -9.69 -9.94 8.06
C ASN A 106 -10.31 -8.62 8.52
N VAL A 107 -11.63 -8.59 8.64
CA VAL A 107 -12.29 -7.36 9.07
C VAL A 107 -11.73 -6.90 10.42
N LYS A 108 -11.41 -7.84 11.30
CA LYS A 108 -10.85 -7.47 12.61
C LYS A 108 -9.48 -6.77 12.49
N GLN A 109 -8.68 -7.16 11.50
CA GLN A 109 -7.41 -6.46 11.29
C GLN A 109 -7.62 -5.04 10.77
N TRP A 110 -8.59 -4.88 9.88
CA TRP A 110 -8.91 -3.54 9.38
C TRP A 110 -9.46 -2.65 10.48
N LEU A 111 -10.25 -3.19 11.39
CA LEU A 111 -10.75 -2.41 12.52
C LEU A 111 -9.59 -1.96 13.41
N GLN A 112 -8.56 -2.79 13.48
CA GLN A 112 -7.39 -2.45 14.26
C GLN A 112 -6.66 -1.26 13.64
N GLU A 113 -6.60 -1.23 12.31
CA GLU A 113 -5.94 -0.12 11.62
C GLU A 113 -6.69 1.18 11.90
N ILE A 114 -8.02 1.12 11.94
CA ILE A 114 -8.81 2.30 12.28
C ILE A 114 -8.52 2.78 13.70
N ASP A 115 -8.49 1.85 14.65
CA ASP A 115 -8.19 2.22 16.04
C ASP A 115 -6.81 2.86 16.15
N ARG A 116 -5.89 2.41 15.31
CA ARG A 116 -4.50 2.86 15.35
C ARG A 116 -4.33 4.27 14.77
N TYR A 117 -5.02 4.54 13.67
CA TYR A 117 -4.77 5.73 12.86
C TYR A 117 -5.88 6.79 12.84
N ALA A 118 -7.12 6.41 13.09
CA ALA A 118 -8.24 7.35 12.93
C ALA A 118 -8.50 8.22 14.15
N SER A 119 -9.25 9.30 13.95
CA SER A 119 -9.71 10.13 15.06
C SER A 119 -10.62 9.32 15.99
N GLU A 120 -10.68 9.73 17.26
CA GLU A 120 -11.43 8.99 18.27
C GLU A 120 -12.94 8.93 17.98
N ASN A 121 -13.45 9.92 17.25
CA ASN A 121 -14.88 10.02 17.02
C ASN A 121 -15.33 9.52 15.64
N VAL A 122 -14.41 8.91 14.90
CA VAL A 122 -14.70 8.50 13.53
C VAL A 122 -15.90 7.54 13.45
N ASN A 123 -16.70 7.69 12.40
CA ASN A 123 -17.78 6.74 12.13
C ASN A 123 -17.30 5.58 11.29
N LYS A 124 -18.02 4.46 11.40
CA LYS A 124 -17.67 3.23 10.73
C LYS A 124 -18.91 2.59 10.12
N LEU A 125 -18.72 1.94 8.98
CA LEU A 125 -19.77 1.17 8.33
C LEU A 125 -19.15 -0.10 7.77
N LEU A 126 -19.86 -1.21 7.90
CA LEU A 126 -19.41 -2.48 7.33
C LEU A 126 -20.19 -2.77 6.06
N VAL A 127 -19.48 -3.11 5.00
CA VAL A 127 -20.10 -3.43 3.71
C VAL A 127 -19.64 -4.79 3.21
N GLY A 128 -20.60 -5.65 2.88
CA GLY A 128 -20.28 -6.92 2.24
C GLY A 128 -20.65 -6.84 0.77
N ASN A 129 -19.63 -6.82 -0.09
CA ASN A 129 -19.82 -6.55 -1.50
C ASN A 129 -19.88 -7.82 -2.35
N LYS A 130 -20.28 -7.66 -3.61
CA LYS A 130 -20.45 -8.76 -4.57
C LYS A 130 -21.67 -9.64 -4.25
N CYS A 131 -22.74 -9.02 -3.77
CA CYS A 131 -23.93 -9.78 -3.37
C CYS A 131 -24.72 -10.34 -4.57
N ASP A 132 -24.38 -9.89 -5.77
CA ASP A 132 -24.99 -10.42 -6.98
C ASP A 132 -24.52 -11.84 -7.32
N LEU A 133 -23.37 -12.24 -6.77
CA LEU A 133 -22.82 -13.57 -7.03
C LEU A 133 -23.47 -14.61 -6.12
N THR A 134 -24.77 -14.82 -6.31
CA THR A 134 -25.58 -15.61 -5.40
C THR A 134 -25.10 -17.05 -5.20
N THR A 135 -24.59 -17.66 -6.27
CA THR A 135 -24.15 -19.05 -6.22
C THR A 135 -22.75 -19.22 -5.62
N LYS A 136 -22.07 -18.11 -5.37
CA LYS A 136 -20.71 -18.15 -4.84
C LYS A 136 -20.59 -17.57 -3.43
N LYS A 137 -21.70 -17.13 -2.84
CA LYS A 137 -21.66 -16.54 -1.50
C LYS A 137 -21.25 -17.53 -0.42
N VAL A 138 -20.35 -17.10 0.47
CA VAL A 138 -19.92 -17.95 1.58
C VAL A 138 -20.09 -17.29 2.96
N VAL A 139 -20.17 -15.96 3.01
CA VAL A 139 -20.32 -15.28 4.29
C VAL A 139 -21.79 -15.06 4.65
N ASP A 140 -22.24 -15.72 5.72
CA ASP A 140 -23.64 -15.63 6.17
C ASP A 140 -24.03 -14.23 6.62
N TYR A 141 -25.08 -13.68 6.04
CA TYR A 141 -25.64 -12.40 6.48
C TYR A 141 -25.75 -12.25 7.99
N THR A 142 -26.37 -13.23 8.65
CA THR A 142 -26.62 -13.09 10.07
C THR A 142 -25.33 -13.04 10.88
N THR A 143 -24.31 -13.79 10.44
CA THR A 143 -23.01 -13.76 11.10
C THR A 143 -22.43 -12.35 11.00
N ALA A 144 -22.49 -11.77 9.81
CA ALA A 144 -21.95 -10.43 9.58
C ALA A 144 -22.75 -9.37 10.32
N LYS A 145 -24.08 -9.52 10.31
CA LYS A 145 -24.95 -8.58 11.01
C LYS A 145 -24.69 -8.63 12.51
N GLU A 146 -24.51 -9.84 13.05
CA GLU A 146 -24.23 -9.98 14.47
C GLU A 146 -22.92 -9.32 14.82
N PHE A 147 -21.93 -9.49 13.94
CA PHE A 147 -20.63 -8.88 14.17
C PHE A 147 -20.73 -7.36 14.15
N ALA A 148 -21.44 -6.82 13.16
CA ALA A 148 -21.59 -5.35 13.09
C ALA A 148 -22.35 -4.84 14.32
N ASP A 149 -23.45 -5.51 14.67
CA ASP A 149 -24.22 -5.13 15.85
C ASP A 149 -23.37 -5.12 17.12
N SER A 150 -22.43 -6.06 17.24
CA SER A 150 -21.59 -6.17 18.43
C SER A 150 -20.66 -4.97 18.58
N LEU A 151 -20.52 -4.22 17.49
CA LEU A 151 -19.65 -3.05 17.44
C LEU A 151 -20.44 -1.75 17.41
N GLY A 152 -21.76 -1.88 17.31
CA GLY A 152 -22.64 -0.71 17.26
C GLY A 152 -22.54 0.02 15.94
N ILE A 153 -22.25 -0.72 14.86
CA ILE A 153 -22.15 -0.07 13.57
C ILE A 153 -23.14 -0.64 12.55
N PRO A 154 -23.51 0.18 11.56
CA PRO A 154 -24.45 -0.26 10.53
C PRO A 154 -23.79 -1.24 9.57
N PHE A 155 -24.61 -2.02 8.88
CA PHE A 155 -24.13 -3.06 7.97
C PHE A 155 -25.05 -3.15 6.76
N LEU A 156 -24.46 -3.13 5.57
CA LEU A 156 -25.19 -3.37 4.32
C LEU A 156 -24.45 -4.33 3.39
N GLU A 157 -25.22 -5.15 2.68
CA GLU A 157 -24.68 -5.94 1.59
C GLU A 157 -24.88 -5.19 0.29
N THR A 158 -23.85 -5.15 -0.56
CA THR A 158 -23.87 -4.35 -1.79
C THR A 158 -23.45 -5.11 -3.03
N SER A 159 -23.72 -4.51 -4.19
CA SER A 159 -23.12 -4.95 -5.44
C SER A 159 -22.71 -3.74 -6.25
N ALA A 160 -21.40 -3.58 -6.47
CA ALA A 160 -20.96 -2.47 -7.29
C ALA A 160 -21.39 -2.74 -8.72
N LYS A 161 -21.49 -4.02 -9.06
CA LYS A 161 -21.83 -4.41 -10.43
C LYS A 161 -23.27 -4.04 -10.80
N ASN A 162 -24.24 -4.37 -9.93
CA ASN A 162 -25.66 -4.07 -10.15
C ASN A 162 -26.15 -2.80 -9.45
N ALA A 163 -25.26 -2.18 -8.68
CA ALA A 163 -25.56 -0.96 -7.91
C ALA A 163 -26.36 -1.16 -6.61
N THR A 164 -26.73 -2.39 -6.30
CA THR A 164 -27.51 -2.67 -5.08
C THR A 164 -26.87 -2.04 -3.83
N ASN A 165 -27.65 -1.21 -3.14
CA ASN A 165 -27.24 -0.60 -1.87
C ASN A 165 -26.01 0.30 -1.91
N VAL A 166 -25.49 0.62 -3.09
CA VAL A 166 -24.32 1.49 -3.17
C VAL A 166 -24.63 2.93 -2.72
N GLU A 167 -25.66 3.54 -3.29
CA GLU A 167 -26.06 4.89 -2.82
C GLU A 167 -26.44 4.87 -1.35
N GLN A 168 -27.17 3.83 -0.94
CA GLN A 168 -27.63 3.74 0.43
C GLN A 168 -26.46 3.71 1.42
N SER A 169 -25.41 3.00 1.06
CA SER A 169 -24.25 2.88 1.95
C SER A 169 -23.67 4.25 2.27
N PHE A 170 -23.44 5.04 1.23
CA PHE A 170 -22.88 6.37 1.41
C PHE A 170 -23.86 7.33 2.11
N MET A 171 -25.14 7.22 1.78
CA MET A 171 -26.16 8.02 2.46
C MET A 171 -26.19 7.69 3.95
N THR A 172 -26.10 6.41 4.27
CA THR A 172 -26.11 5.98 5.67
C THR A 172 -24.87 6.52 6.40
N MET A 173 -23.69 6.35 5.81
CA MET A 173 -22.47 6.94 6.40
C MET A 173 -22.58 8.46 6.58
N ALA A 174 -23.09 9.18 5.58
CA ALA A 174 -23.23 10.63 5.71
C ALA A 174 -24.21 11.02 6.83
N ALA A 175 -25.29 10.25 6.99
CA ALA A 175 -26.26 10.50 8.05
C ALA A 175 -25.64 10.28 9.42
N GLU A 176 -24.82 9.24 9.55
CA GLU A 176 -24.16 8.97 10.83
C GLU A 176 -23.17 10.08 11.23
N ILE A 177 -22.40 10.56 10.26
CA ILE A 177 -21.44 11.65 10.53
C ILE A 177 -22.18 12.93 10.89
N LYS A 178 -23.18 13.28 10.11
CA LYS A 178 -23.91 14.53 10.33
C LYS A 178 -24.49 14.60 11.75
N LYS A 179 -24.95 13.47 12.26
CA LYS A 179 -25.52 13.41 13.61
C LYS A 179 -24.63 14.00 14.69
N ARG A 180 -23.32 14.00 14.48
CA ARG A 180 -22.44 14.53 15.52
C ARG A 180 -21.84 15.90 15.19
N MET A 181 -22.36 16.55 14.15
CA MET A 181 -21.87 17.87 13.78
C MET A 181 -22.64 18.94 14.54
N LYS B 2 -21.58 10.86 -16.84
CA LYS B 2 -21.16 12.20 -17.21
C LYS B 2 -20.20 12.11 -18.38
N LEU B 3 -20.74 12.22 -19.60
CA LEU B 3 -19.95 12.09 -20.82
C LEU B 3 -18.67 12.92 -20.81
N ASP B 4 -18.74 14.14 -20.28
CA ASP B 4 -17.58 15.01 -20.27
C ASP B 4 -16.47 14.46 -19.37
N LYS B 5 -16.86 13.82 -18.27
CA LYS B 5 -15.91 13.11 -17.43
C LYS B 5 -15.17 12.05 -18.25
N LEU B 6 -15.90 11.34 -19.10
CA LEU B 6 -15.28 10.35 -19.97
C LEU B 6 -14.31 11.04 -20.93
N GLU B 7 -14.80 12.05 -21.63
CA GLU B 7 -13.99 12.76 -22.62
C GLU B 7 -12.70 13.28 -21.99
N ARG B 8 -12.80 13.75 -20.75
CA ARG B 8 -11.66 14.30 -20.03
C ARG B 8 -10.65 13.23 -19.64
N GLN B 9 -11.15 12.04 -19.31
CA GLN B 9 -10.28 10.94 -18.91
C GLN B 9 -9.12 10.75 -19.86
N GLY B 10 -9.35 11.04 -21.14
CA GLY B 10 -8.30 10.94 -22.15
C GLY B 10 -7.02 11.63 -21.75
N LYS B 11 -7.09 12.95 -21.55
CA LYS B 11 -5.95 13.74 -21.07
C LYS B 11 -5.57 13.35 -19.64
N ASP B 12 -6.58 13.03 -18.83
CA ASP B 12 -6.37 12.61 -17.46
C ASP B 12 -5.45 11.38 -17.38
N LEU B 13 -5.79 10.34 -18.14
CA LEU B 13 -4.94 9.16 -18.21
C LEU B 13 -3.60 9.54 -18.81
N GLU B 14 -3.64 10.38 -19.84
CA GLU B 14 -2.46 10.90 -20.48
C GLU B 14 -1.51 11.52 -19.45
N ASP B 15 -2.05 12.44 -18.65
CA ASP B 15 -1.27 13.15 -17.63
C ASP B 15 -0.79 12.20 -16.55
N LYS B 16 -1.66 11.30 -16.13
CA LYS B 16 -1.34 10.32 -15.10
C LYS B 16 -0.16 9.45 -15.49
N TYR B 17 -0.27 8.75 -16.61
CA TYR B 17 0.81 7.88 -17.03
C TYR B 17 2.09 8.60 -17.46
N LYS B 18 1.97 9.82 -17.97
CA LYS B 18 3.17 10.58 -18.27
C LYS B 18 3.91 10.90 -16.98
N THR B 19 3.15 11.30 -15.96
CA THR B 19 3.73 11.61 -14.66
C THR B 19 4.37 10.37 -14.05
N TYR B 20 3.68 9.24 -14.13
CA TYR B 20 4.21 7.99 -13.59
C TYR B 20 5.55 7.66 -14.28
N GLU B 21 5.57 7.76 -15.60
CA GLU B 21 6.76 7.39 -16.37
C GLU B 21 7.93 8.34 -16.09
N GLU B 22 7.63 9.61 -15.89
CA GLU B 22 8.67 10.58 -15.53
C GLU B 22 9.32 10.21 -14.20
N ASN B 23 8.52 9.80 -13.23
CA ASN B 23 9.06 9.41 -11.95
C ASN B 23 9.86 8.12 -12.03
N LEU B 24 9.39 7.16 -12.82
CA LEU B 24 10.11 5.91 -12.97
C LEU B 24 11.48 6.13 -13.61
N GLU B 25 11.53 7.02 -14.59
CA GLU B 25 12.78 7.29 -15.29
C GLU B 25 13.78 8.06 -14.42
N GLY B 26 13.27 8.85 -13.50
CA GLY B 26 14.11 9.64 -12.62
C GLY B 26 14.59 8.87 -11.40
N PHE B 27 14.20 7.60 -11.29
CA PHE B 27 14.54 6.83 -10.11
C PHE B 27 16.04 6.70 -9.88
N GLU B 28 16.77 6.29 -10.92
CA GLU B 28 18.21 6.08 -10.82
C GLU B 28 18.94 7.32 -10.33
N LYS B 29 18.58 8.47 -10.90
CA LYS B 29 19.21 9.73 -10.52
C LYS B 29 18.89 10.08 -9.07
N LEU B 30 17.68 9.72 -8.65
CA LEU B 30 17.23 9.95 -7.27
C LEU B 30 18.21 9.34 -6.28
N LEU B 31 18.67 8.13 -6.58
CA LEU B 31 19.55 7.39 -5.68
C LEU B 31 20.84 8.16 -5.42
N THR B 32 21.30 8.90 -6.43
CA THR B 32 22.58 9.59 -6.32
C THR B 32 22.47 11.07 -5.98
N ASP B 33 21.34 11.69 -6.31
CA ASP B 33 21.22 13.14 -6.21
C ASP B 33 20.28 13.67 -5.13
N SER B 34 19.59 12.77 -4.42
CA SER B 34 18.58 13.17 -3.45
C SER B 34 19.16 14.04 -2.33
N GLU B 35 18.34 14.92 -1.79
CA GLU B 35 18.72 15.77 -0.67
C GLU B 35 18.64 15.01 0.65
N GLU B 36 19.66 15.13 1.50
CA GLU B 36 19.64 14.46 2.81
C GLU B 36 18.52 15.00 3.71
N LEU B 37 18.02 14.16 4.61
CA LEU B 37 17.08 14.62 5.63
C LEU B 37 17.79 15.65 6.48
N SER B 38 17.08 16.72 6.84
CA SER B 38 17.58 17.66 7.83
C SER B 38 17.24 17.11 9.22
N LEU B 39 17.90 17.62 10.24
CA LEU B 39 17.61 17.19 11.61
C LEU B 39 16.14 17.41 11.95
N SER B 40 15.57 18.51 11.49
CA SER B 40 14.17 18.77 11.79
C SER B 40 13.31 17.68 11.19
N GLU B 41 13.65 17.21 9.99
CA GLU B 41 12.87 16.14 9.36
C GLU B 41 13.01 14.83 10.13
N ILE B 42 14.23 14.54 10.55
CA ILE B 42 14.50 13.38 11.40
C ILE B 42 13.66 13.44 12.70
N ASN B 43 13.65 14.59 13.34
CA ASN B 43 12.88 14.76 14.56
C ASN B 43 11.36 14.59 14.34
N GLU B 44 10.86 15.11 13.22
CA GLU B 44 9.44 14.99 12.93
C GLU B 44 9.05 13.54 12.78
N LYS B 45 9.87 12.75 12.09
CA LYS B 45 9.57 11.34 11.88
C LYS B 45 9.71 10.57 13.19
N MET B 46 10.70 10.90 13.99
CA MET B 46 10.85 10.22 15.27
C MET B 46 9.67 10.49 16.20
N LYS B 47 9.20 11.74 16.24
CA LYS B 47 7.99 12.07 17.00
C LYS B 47 6.76 11.30 16.53
N ALA B 48 6.56 11.24 15.23
CA ALA B 48 5.39 10.54 14.69
C ALA B 48 5.43 9.04 15.00
N PHE B 49 6.59 8.42 14.80
CA PHE B 49 6.72 7.00 15.11
C PHE B 49 6.60 6.74 16.61
N SER B 50 7.08 7.66 17.44
CA SER B 50 6.97 7.48 18.89
C SER B 50 5.52 7.55 19.36
N LYS B 51 4.73 8.43 18.74
CA LYS B 51 3.30 8.51 19.05
C LYS B 51 2.60 7.20 18.61
N ASP B 52 2.97 6.69 17.44
CA ASP B 52 2.38 5.45 16.92
C ASP B 52 2.74 4.30 17.87
N SER B 53 4.00 4.26 18.29
CA SER B 53 4.44 3.26 19.26
C SER B 53 3.57 3.26 20.52
N GLU B 54 3.33 4.45 21.07
CA GLU B 54 2.52 4.59 22.28
C GLU B 54 1.09 4.12 22.07
N LYS B 55 0.53 4.45 20.90
CA LYS B 55 -0.83 4.02 20.57
C LYS B 55 -0.92 2.50 20.52
N LEU B 56 0.06 1.86 19.90
CA LEU B 56 0.08 0.40 19.83
C LEU B 56 0.16 -0.23 21.22
N THR B 57 0.99 0.37 22.08
CA THR B 57 1.11 -0.11 23.46
C THR B 57 -0.25 -0.04 24.17
N GLN B 58 -0.96 1.07 23.98
CA GLN B 58 -2.26 1.25 24.59
C GLN B 58 -3.28 0.24 24.06
N LEU B 59 -3.24 -0.02 22.76
CA LEU B 59 -4.15 -1.01 22.19
C LEU B 59 -3.85 -2.41 22.70
N MET B 60 -2.58 -2.71 22.95
CA MET B 60 -2.24 -4.03 23.48
C MET B 60 -2.88 -4.20 24.86
N GLU B 61 -2.83 -3.15 25.67
CA GLU B 61 -3.47 -3.21 26.98
C GLU B 61 -5.00 -3.38 26.86
N LYS B 62 -5.58 -2.68 25.90
CA LYS B 62 -7.04 -2.71 25.71
C LYS B 62 -7.51 -4.09 25.26
N HIS B 63 -6.61 -4.82 24.62
CA HIS B 63 -6.91 -6.15 24.11
C HIS B 63 -6.26 -7.26 24.92
N LYS B 64 -5.85 -6.93 26.15
CA LYS B 64 -5.16 -7.90 27.00
C LYS B 64 -5.90 -9.23 27.02
N GLY B 65 -5.14 -10.32 26.85
CA GLY B 65 -5.70 -11.66 26.90
C GLY B 65 -5.91 -12.29 25.53
N ASP B 66 -6.15 -11.43 24.53
CA ASP B 66 -6.39 -11.87 23.17
C ASP B 66 -5.04 -12.07 22.50
N GLU B 67 -4.50 -13.29 22.64
CA GLU B 67 -3.16 -13.62 22.17
C GLU B 67 -2.95 -13.25 20.71
N LYS B 68 -3.94 -13.56 19.88
CA LYS B 68 -3.79 -13.36 18.45
C LYS B 68 -3.74 -11.86 18.11
N THR B 69 -4.67 -11.08 18.65
CA THR B 69 -4.66 -9.64 18.44
C THR B 69 -3.39 -8.98 18.98
N VAL B 70 -3.03 -9.34 20.21
CA VAL B 70 -1.85 -8.78 20.84
C VAL B 70 -0.61 -9.11 20.02
N GLN B 71 -0.50 -10.34 19.52
CA GLN B 71 0.67 -10.72 18.72
C GLN B 71 0.74 -9.87 17.45
N SER B 72 -0.41 -9.62 16.84
CA SER B 72 -0.48 -8.77 15.65
C SER B 72 0.01 -7.35 15.97
N LEU B 73 -0.44 -6.81 17.10
CA LEU B 73 -0.04 -5.48 17.57
C LEU B 73 1.46 -5.45 17.87
N GLN B 74 1.99 -6.52 18.44
CA GLN B 74 3.42 -6.60 18.73
C GLN B 74 4.27 -6.65 17.46
N ARG B 75 3.79 -7.30 16.40
CA ARG B 75 4.51 -7.28 15.13
C ARG B 75 4.64 -5.85 14.63
N GLU B 76 3.53 -5.12 14.61
CA GLU B 76 3.57 -3.73 14.19
C GLU B 76 4.50 -2.90 15.07
N HIS B 77 4.41 -3.11 16.37
CA HIS B 77 5.21 -2.34 17.32
C HIS B 77 6.71 -2.57 17.12
N HIS B 78 7.09 -3.82 16.86
CA HIS B 78 8.48 -4.17 16.60
C HIS B 78 8.99 -3.46 15.34
N ASP B 79 8.13 -3.40 14.33
CA ASP B 79 8.45 -2.74 13.06
C ASP B 79 8.72 -1.25 13.27
N ILE B 80 7.87 -0.60 14.07
CA ILE B 80 8.03 0.81 14.37
C ILE B 80 9.26 1.03 15.23
N LYS B 81 9.52 0.10 16.16
CA LYS B 81 10.72 0.22 17.01
C LYS B 81 12.00 0.17 16.16
N ALA B 82 11.98 -0.68 15.14
CA ALA B 82 13.13 -0.82 14.24
C ALA B 82 13.35 0.47 13.43
N LYS B 83 12.28 1.06 12.93
CA LYS B 83 12.38 2.32 12.20
C LYS B 83 12.89 3.46 13.09
N LEU B 84 12.45 3.50 14.34
CA LEU B 84 12.93 4.49 15.30
C LEU B 84 14.41 4.32 15.59
N ALA B 85 14.86 3.08 15.70
CA ALA B 85 16.28 2.84 15.99
C ALA B 85 17.16 3.25 14.80
N ASN B 86 16.68 3.01 13.59
CA ASN B 86 17.38 3.46 12.38
C ASN B 86 17.46 4.99 12.30
N LEU B 87 16.35 5.66 12.61
CA LEU B 87 16.36 7.12 12.67
C LEU B 87 17.31 7.59 13.76
N GLN B 88 17.41 6.83 14.85
CA GLN B 88 18.30 7.25 15.94
C GLN B 88 19.77 7.28 15.48
N VAL B 89 20.13 6.38 14.57
CA VAL B 89 21.48 6.39 14.00
C VAL B 89 21.76 7.71 13.27
N LEU B 90 20.82 8.13 12.44
CA LEU B 90 20.96 9.40 11.73
C LEU B 90 21.04 10.57 12.70
N HIS B 91 20.22 10.52 13.74
CA HIS B 91 20.20 11.60 14.73
C HIS B 91 21.56 11.67 15.39
N ASP B 92 22.07 10.51 15.80
CA ASP B 92 23.41 10.40 16.38
C ASP B 92 24.49 10.96 15.45
N ALA B 93 24.40 10.65 14.16
CA ALA B 93 25.37 11.18 13.21
C ALA B 93 25.29 12.70 13.14
N HIS B 94 24.08 13.24 13.17
CA HIS B 94 23.91 14.69 13.09
C HIS B 94 24.38 15.41 14.35
N THR B 95 24.42 14.70 15.48
CA THR B 95 24.82 15.33 16.74
C THR B 95 26.24 14.95 17.17
N GLY B 96 26.91 14.14 16.35
CA GLY B 96 28.30 13.80 16.61
C GLY B 96 28.50 12.59 17.51
N LYS B 97 27.41 11.94 17.92
CA LYS B 97 27.52 10.72 18.72
C LYS B 97 27.96 9.53 17.87
N LYS B 98 27.71 9.61 16.58
CA LYS B 98 28.27 8.66 15.62
C LYS B 98 28.93 9.41 14.47
N SER B 99 29.84 8.75 13.76
CA SER B 99 30.40 9.35 12.57
C SER B 99 30.41 8.38 11.39
N TYR B 100 30.17 8.92 10.19
CA TYR B 100 30.20 8.12 8.98
C TYR B 100 31.63 7.81 8.59
N VAL B 101 31.90 6.56 8.21
CA VAL B 101 33.21 6.17 7.71
C VAL B 101 33.09 5.33 6.45
N ASN B 102 34.14 5.29 5.61
CA ASN B 102 34.09 4.43 4.45
C ASN B 102 34.58 3.03 4.84
N GLU B 103 34.89 2.19 3.86
CA GLU B 103 35.22 0.80 4.14
C GLU B 103 36.60 0.62 4.80
N LYS B 104 37.42 1.67 4.79
CA LYS B 104 38.71 1.62 5.48
C LYS B 104 38.64 2.25 6.86
N GLY B 105 37.44 2.66 7.28
CA GLY B 105 37.30 3.30 8.58
C GLY B 105 37.73 4.74 8.58
N ASN B 106 37.85 5.35 7.39
CA ASN B 106 38.16 6.77 7.33
C ASN B 106 36.90 7.60 7.18
N PRO B 107 36.86 8.78 7.80
CA PRO B 107 35.64 9.59 7.83
C PRO B 107 35.22 10.10 6.45
N VAL B 108 33.92 10.16 6.23
CA VAL B 108 33.35 10.75 5.04
C VAL B 108 32.23 11.71 5.47
N SER B 109 31.89 12.67 4.61
CA SER B 109 30.87 13.67 4.96
C SER B 109 29.44 13.17 4.81
N SER B 110 29.17 12.51 3.68
CA SER B 110 27.79 12.24 3.28
C SER B 110 27.34 10.83 3.60
N LEU B 111 26.10 10.70 4.07
CA LEU B 111 25.51 9.38 4.23
C LEU B 111 25.68 8.58 2.93
N LYS B 112 25.53 9.26 1.79
CA LYS B 112 25.69 8.59 0.51
C LYS B 112 27.00 7.81 0.38
N ASP B 113 28.08 8.38 0.90
CA ASP B 113 29.40 7.77 0.76
C ASP B 113 29.81 6.92 1.96
N ALA B 114 28.93 6.84 2.96
CA ALA B 114 29.21 6.08 4.18
C ALA B 114 28.98 4.59 3.98
N HIS B 115 29.86 3.77 4.58
CA HIS B 115 29.66 2.33 4.62
C HIS B 115 29.11 1.90 5.98
N LEU B 116 29.62 2.53 7.03
CA LEU B 116 29.16 2.29 8.41
C LEU B 116 29.00 3.61 9.18
N ALA B 117 28.22 3.57 10.25
CA ALA B 117 28.20 4.69 11.20
C ALA B 117 28.68 4.14 12.54
N ILE B 118 29.78 4.67 13.06
CA ILE B 118 30.39 4.10 14.27
C ILE B 118 30.44 5.09 15.43
N ASN B 119 30.45 4.55 16.64
CA ASN B 119 30.54 5.42 17.81
C ASN B 119 32.00 5.55 18.27
N LYS B 120 32.24 6.35 19.30
CA LYS B 120 33.61 6.66 19.70
C LYS B 120 34.33 5.46 20.27
N ASP B 121 33.56 4.44 20.64
CA ASP B 121 34.14 3.23 21.23
C ASP B 121 34.33 2.08 20.22
N GLN B 122 34.26 2.41 18.94
CA GLN B 122 34.42 1.41 17.89
C GLN B 122 35.54 1.80 16.93
N GLU B 123 36.15 0.81 16.28
CA GLU B 123 37.06 1.10 15.19
C GLU B 123 36.95 0.07 14.08
N VAL B 124 37.30 0.51 12.87
CA VAL B 124 37.28 -0.34 11.68
C VAL B 124 38.72 -0.59 11.24
N VAL B 125 39.04 -1.85 10.97
CA VAL B 125 40.37 -2.24 10.45
C VAL B 125 40.19 -2.90 9.10
N GLU B 126 40.91 -2.43 8.09
CA GLU B 126 40.81 -2.98 6.74
C GLU B 126 42.19 -3.46 6.29
N HIS B 127 42.24 -4.64 5.66
CA HIS B 127 43.50 -5.15 5.11
C HIS B 127 43.24 -5.97 3.87
N LYS B 128 43.62 -5.43 2.72
CA LYS B 128 43.49 -6.15 1.45
C LYS B 128 42.13 -6.81 1.27
N GLY B 129 41.07 -6.04 1.48
CA GLY B 129 39.73 -6.53 1.24
C GLY B 129 39.12 -7.32 2.38
N GLN B 130 39.85 -7.43 3.49
CA GLN B 130 39.26 -7.99 4.71
C GLN B 130 38.82 -6.81 5.57
N PHE B 131 37.61 -6.88 6.14
CA PHE B 131 37.06 -5.75 6.92
C PHE B 131 36.66 -6.21 8.31
N TYR B 132 37.15 -5.50 9.33
CA TYR B 132 36.86 -5.86 10.72
C TYR B 132 36.23 -4.68 11.49
N LEU B 133 35.24 -4.98 12.33
CA LEU B 133 34.69 -3.98 13.23
C LEU B 133 34.87 -4.50 14.65
N LEU B 134 35.44 -3.68 15.53
CA LEU B 134 35.78 -4.15 16.88
C LEU B 134 35.79 -3.01 17.88
N GLN B 135 35.83 -3.35 19.16
CA GLN B 135 36.03 -2.34 20.19
C GLN B 135 37.32 -1.57 19.93
N LYS B 136 37.27 -0.26 20.07
CA LYS B 136 38.44 0.56 19.82
C LYS B 136 39.57 0.12 20.74
N GLY B 137 40.76 -0.09 20.16
CA GLY B 137 41.94 -0.48 20.90
C GLY B 137 42.10 -1.95 21.22
N GLN B 138 41.23 -2.80 20.68
CA GLN B 138 41.24 -4.22 21.05
C GLN B 138 41.81 -5.17 20.00
N TRP B 139 42.58 -4.65 19.05
CA TRP B 139 43.15 -5.50 18.01
C TRP B 139 43.99 -6.64 18.59
N ASP B 140 44.81 -6.33 19.59
CA ASP B 140 45.66 -7.37 20.16
C ASP B 140 44.86 -8.51 20.79
N ALA B 141 43.64 -8.23 21.23
CA ALA B 141 42.85 -9.28 21.86
C ALA B 141 42.35 -10.32 20.85
N ILE B 142 42.23 -9.92 19.59
CA ILE B 142 41.65 -10.82 18.58
C ILE B 142 42.62 -11.24 17.46
N LYS B 143 43.76 -10.57 17.38
CA LYS B 143 44.65 -10.71 16.22
C LYS B 143 45.24 -12.10 15.99
N ASN B 144 45.30 -12.91 17.06
CA ASN B 144 45.79 -14.28 16.97
C ASN B 144 44.69 -15.32 17.18
N ASP B 145 43.44 -14.87 17.09
CA ASP B 145 42.31 -15.73 17.39
C ASP B 145 41.36 -15.76 16.19
N PRO B 146 41.49 -16.77 15.33
CA PRO B 146 40.72 -16.84 14.08
C PRO B 146 39.21 -16.77 14.30
N ALA B 147 38.72 -17.31 15.40
CA ALA B 147 37.28 -17.22 15.69
C ALA B 147 36.86 -15.78 16.00
N ALA B 148 37.71 -15.05 16.74
CA ALA B 148 37.41 -13.67 17.08
C ALA B 148 37.52 -12.74 15.86
N LEU B 149 38.46 -13.02 14.97
CA LEU B 149 38.54 -12.24 13.73
C LEU B 149 37.29 -12.48 12.88
N GLU B 150 36.83 -13.73 12.84
CA GLU B 150 35.59 -14.05 12.13
C GLU B 150 34.41 -13.27 12.70
N LYS B 151 34.30 -13.22 14.03
CA LYS B 151 33.27 -12.41 14.69
C LYS B 151 33.37 -10.93 14.31
N ALA B 152 34.59 -10.41 14.22
CA ALA B 152 34.78 -8.99 13.88
C ALA B 152 34.36 -8.74 12.44
N GLN B 153 34.61 -9.72 11.58
CA GLN B 153 34.20 -9.60 10.18
C GLN B 153 32.68 -9.65 10.05
N LYS B 154 32.05 -10.56 10.81
CA LYS B 154 30.58 -10.63 10.85
C LYS B 154 29.96 -9.33 11.37
N ASP B 155 30.55 -8.77 12.42
CA ASP B 155 30.08 -7.50 12.97
C ASP B 155 30.18 -6.34 11.97
N TYR B 156 31.27 -6.33 11.19
CA TYR B 156 31.44 -5.30 10.18
C TYR B 156 30.32 -5.45 9.16
N SER B 157 30.10 -6.68 8.72
CA SER B 157 29.10 -6.93 7.69
C SER B 157 27.69 -6.59 8.18
N GLN B 158 27.41 -6.89 9.44
CA GLN B 158 26.10 -6.59 10.00
C GLN B 158 25.85 -5.07 10.07
N SER B 159 26.85 -4.34 10.54
CA SER B 159 26.73 -2.89 10.62
C SER B 159 26.57 -2.29 9.22
N LYS B 160 27.34 -2.80 8.26
CA LYS B 160 27.29 -2.32 6.88
C LYS B 160 25.90 -2.56 6.33
N HIS B 161 25.39 -3.77 6.56
CA HIS B 161 24.04 -4.12 6.12
C HIS B 161 23.00 -3.19 6.75
N ASP B 162 23.15 -2.93 8.04
CA ASP B 162 22.21 -2.04 8.73
C ASP B 162 22.25 -0.63 8.18
N LEU B 163 23.43 -0.13 7.83
CA LEU B 163 23.47 1.24 7.30
C LEU B 163 22.84 1.29 5.91
N ALA B 164 22.97 0.21 5.14
CA ALA B 164 22.35 0.17 3.83
C ALA B 164 20.83 0.26 3.98
N THR B 165 20.30 -0.45 4.97
CA THR B 165 18.88 -0.37 5.32
C THR B 165 18.51 1.07 5.66
N ILE B 166 19.31 1.69 6.51
CA ILE B 166 19.09 3.06 6.92
C ILE B 166 19.09 4.04 5.75
N LYS B 167 19.97 3.84 4.77
CA LYS B 167 20.02 4.73 3.63
C LYS B 167 18.74 4.68 2.81
N MET B 168 18.21 3.48 2.63
CA MET B 168 16.97 3.35 1.85
C MET B 168 15.79 3.91 2.62
N GLU B 169 15.78 3.67 3.93
CA GLU B 169 14.70 4.21 4.76
C GLU B 169 14.76 5.74 4.78
N ALA B 170 15.96 6.29 4.83
CA ALA B 170 16.11 7.77 4.80
C ALA B 170 15.47 8.39 3.56
N LEU B 171 15.70 7.78 2.40
CA LEU B 171 15.12 8.27 1.14
C LEU B 171 13.60 8.14 1.18
N ILE B 172 13.11 7.04 1.72
CA ILE B 172 11.67 6.86 1.93
C ILE B 172 11.10 7.99 2.79
N HIS B 173 11.76 8.30 3.91
CA HIS B 173 11.20 9.32 4.80
C HIS B 173 11.22 10.69 4.12
N LYS B 174 12.24 10.94 3.32
CA LYS B 174 12.37 12.26 2.68
C LYS B 174 11.22 12.44 1.70
N LEU B 175 11.00 11.42 0.89
CA LEU B 175 9.91 11.45 -0.10
C LEU B 175 8.55 11.47 0.60
N SER B 176 8.42 10.72 1.69
CA SER B 176 7.17 10.71 2.47
C SER B 176 6.79 12.10 2.96
N LEU B 177 7.77 12.86 3.44
CA LEU B 177 7.46 14.22 3.92
C LEU B 177 6.99 15.14 2.79
N GLU B 178 7.58 15.01 1.62
CA GLU B 178 7.14 15.76 0.44
C GLU B 178 5.70 15.40 0.08
N MET B 179 5.38 14.12 0.14
CA MET B 179 4.04 13.62 -0.17
C MET B 179 3.00 14.10 0.83
N GLU B 180 3.36 14.16 2.12
CA GLU B 180 2.41 14.61 3.13
C GLU B 180 2.01 16.08 2.92
N LYS B 181 2.96 16.89 2.47
CA LYS B 181 2.65 18.30 2.17
C LYS B 181 1.69 18.41 1.00
N GLN B 182 1.87 17.56 0.01
CA GLN B 182 0.97 17.52 -1.14
C GLN B 182 -0.49 17.26 -0.71
N LEU B 183 -0.67 16.37 0.26
CA LEU B 183 -2.02 16.05 0.74
C LEU B 183 -2.76 17.24 1.37
N GLU B 184 -2.04 18.14 2.04
CA GLU B 184 -2.66 19.34 2.59
C GLU B 184 -3.19 20.23 1.45
N THR B 185 -2.37 20.40 0.43
CA THR B 185 -2.74 21.25 -0.69
C THR B 185 -3.91 20.64 -1.45
N ILE B 186 -3.89 19.32 -1.57
CA ILE B 186 -5.01 18.61 -2.21
C ILE B 186 -6.30 18.87 -1.42
N ASN B 187 -6.24 18.82 -0.09
CA ASN B 187 -7.43 19.10 0.70
C ASN B 187 -7.93 20.53 0.48
N ASP B 188 -7.02 21.49 0.42
CA ASP B 188 -7.40 22.88 0.19
C ASP B 188 -8.14 23.01 -1.14
N LEU B 189 -7.62 22.31 -2.15
CA LEU B 189 -8.21 22.36 -3.48
C LEU B 189 -9.58 21.69 -3.48
N ILE B 190 -9.71 20.55 -2.81
CA ILE B 190 -10.99 19.87 -2.73
C ILE B 190 -12.07 20.75 -2.04
N MET B 191 -11.66 21.62 -1.12
CA MET B 191 -12.61 22.53 -0.48
C MET B 191 -13.29 23.49 -1.46
N SER B 192 -12.63 23.76 -2.58
CA SER B 192 -13.15 24.71 -3.54
C SER B 192 -14.44 24.23 -4.20
N THR B 193 -15.31 25.18 -4.57
CA THR B 193 -16.46 24.89 -5.40
C THR B 193 -16.14 25.10 -6.89
N ASP B 194 -14.97 25.65 -7.17
CA ASP B 194 -14.51 25.85 -8.54
C ASP B 194 -14.05 24.50 -9.11
N PRO B 195 -14.73 24.00 -10.15
CA PRO B 195 -14.32 22.70 -10.72
C PRO B 195 -12.88 22.70 -11.23
N LYS B 196 -12.34 23.88 -11.55
CA LYS B 196 -10.95 23.97 -12.00
C LYS B 196 -9.96 23.65 -10.88
N GLU B 197 -10.27 24.12 -9.67
CA GLU B 197 -9.45 23.77 -8.52
C GLU B 197 -9.60 22.28 -8.19
N ASN B 198 -10.81 21.76 -8.33
CA ASN B 198 -11.04 20.34 -8.09
C ASN B 198 -10.22 19.51 -9.08
N GLU B 199 -10.17 19.95 -10.34
CA GLU B 199 -9.33 19.29 -11.33
C GLU B 199 -7.83 19.37 -10.99
N GLU B 200 -7.39 20.50 -10.47
CA GLU B 200 -5.99 20.65 -10.06
C GLU B 200 -5.62 19.67 -8.96
N ALA B 201 -6.56 19.42 -8.05
CA ALA B 201 -6.31 18.42 -7.01
C ALA B 201 -6.00 17.04 -7.62
N THR B 202 -6.69 16.69 -8.70
CA THR B 202 -6.48 15.40 -9.36
C THR B 202 -5.09 15.37 -10.03
N LYS B 203 -4.70 16.47 -10.66
CA LYS B 203 -3.37 16.57 -11.23
C LYS B 203 -2.29 16.44 -10.15
N LEU B 204 -2.51 17.06 -8.99
CA LEU B 204 -1.56 16.97 -7.90
C LEU B 204 -1.50 15.54 -7.35
N LEU B 205 -2.64 14.85 -7.33
CA LEU B 205 -2.67 13.44 -6.93
C LEU B 205 -1.76 12.60 -7.83
N HIS B 206 -1.77 12.90 -9.13
CA HIS B 206 -0.87 12.20 -10.05
C HIS B 206 0.61 12.32 -9.66
N LYS B 207 1.03 13.52 -9.27
CA LYS B 207 2.40 13.72 -8.86
C LYS B 207 2.67 13.00 -7.54
N HIS B 208 1.65 12.98 -6.69
CA HIS B 208 1.72 12.30 -5.39
C HIS B 208 1.95 10.81 -5.57
N ASN B 209 1.16 10.19 -6.44
CA ASN B 209 1.34 8.77 -6.72
C ASN B 209 2.62 8.49 -7.52
N GLY B 210 3.10 9.48 -8.26
CA GLY B 210 4.39 9.37 -8.93
C GLY B 210 5.52 9.18 -7.92
N LEU B 211 5.50 10.00 -6.87
CA LEU B 211 6.45 9.82 -5.78
C LEU B 211 6.22 8.46 -5.10
N ASN B 212 4.97 8.04 -4.98
CA ASN B 212 4.69 6.71 -4.40
C ASN B 212 5.36 5.56 -5.19
N LEU B 213 5.56 5.76 -6.48
CA LEU B 213 6.22 4.75 -7.30
C LEU B 213 7.70 4.63 -6.92
N LYS B 214 8.32 5.76 -6.58
CA LYS B 214 9.69 5.74 -6.09
C LYS B 214 9.73 5.04 -4.73
N LEU B 215 8.76 5.35 -3.86
CA LEU B 215 8.67 4.65 -2.59
C LEU B 215 8.54 3.15 -2.81
N ALA B 216 7.68 2.77 -3.74
CA ALA B 216 7.44 1.37 -4.00
C ALA B 216 8.70 0.63 -4.46
N ASN B 217 9.49 1.23 -5.35
CA ASN B 217 10.78 0.62 -5.76
C ASN B 217 11.71 0.45 -4.57
N LEU B 218 11.76 1.45 -3.71
CA LEU B 218 12.62 1.37 -2.54
C LEU B 218 12.13 0.30 -1.59
N GLN B 219 10.81 0.17 -1.46
CA GLN B 219 10.26 -0.86 -0.59
C GLN B 219 10.61 -2.25 -1.12
N ASP B 220 10.55 -2.44 -2.43
CA ASP B 220 10.99 -3.71 -3.02
C ASP B 220 12.51 -3.96 -2.81
N MET B 221 13.32 -2.93 -2.99
CA MET B 221 14.76 -3.06 -2.76
C MET B 221 15.02 -3.44 -1.30
N LEU B 222 14.29 -2.80 -0.38
CA LEU B 222 14.41 -3.11 1.04
C LEU B 222 14.03 -4.54 1.35
N ALA B 223 12.91 -5.00 0.78
CA ALA B 223 12.46 -6.37 1.01
C ALA B 223 13.50 -7.38 0.53
N VAL B 224 14.12 -7.11 -0.61
CA VAL B 224 15.14 -8.03 -1.11
C VAL B 224 16.39 -7.95 -0.22
N HIS B 225 16.74 -6.74 0.18
CA HIS B 225 17.91 -6.52 1.05
C HIS B 225 17.75 -7.26 2.39
N ARG B 226 16.53 -7.27 2.92
CA ARG B 226 16.26 -7.92 4.20
C ARG B 226 16.08 -9.44 4.06
N LYS B 227 16.24 -9.94 2.83
CA LYS B 227 16.07 -11.36 2.50
C LYS B 227 14.65 -11.88 2.72
N GLU B 228 13.67 -10.99 2.56
CA GLU B 228 12.26 -11.38 2.59
C GLU B 228 11.78 -11.77 1.18
N LYS B 229 12.40 -11.17 0.17
CA LYS B 229 11.99 -11.36 -1.22
C LYS B 229 13.21 -11.48 -2.15
N SER B 230 12.98 -11.86 -3.40
CA SER B 230 14.05 -11.95 -4.40
C SER B 230 13.59 -11.33 -5.70
N PHE B 231 14.55 -10.85 -6.48
CA PHE B 231 14.30 -10.32 -7.83
C PHE B 231 14.49 -11.43 -8.88
N PHE B 232 13.65 -11.42 -9.92
CA PHE B 232 13.81 -12.35 -11.04
C PHE B 232 13.69 -11.63 -12.38
N ASN B 233 14.44 -12.10 -13.39
CA ASN B 233 14.33 -11.54 -14.73
C ASN B 233 13.11 -12.06 -15.49
N GLU B 234 13.01 -11.69 -16.76
CA GLU B 234 11.83 -11.99 -17.55
C GLU B 234 11.55 -13.49 -17.70
N LYS B 235 12.59 -14.30 -17.67
CA LYS B 235 12.44 -15.74 -17.80
C LYS B 235 12.30 -16.44 -16.46
N GLY B 236 12.30 -15.67 -15.38
CA GLY B 236 12.11 -16.22 -14.05
C GLY B 236 13.40 -16.67 -13.38
N GLU B 237 14.52 -16.20 -13.90
CA GLU B 237 15.83 -16.50 -13.31
C GLU B 237 16.21 -15.45 -12.29
N LYS B 238 16.77 -15.88 -11.17
CA LYS B 238 17.14 -14.96 -10.09
C LYS B 238 18.21 -13.94 -10.50
N VAL B 239 17.99 -12.69 -10.13
CA VAL B 239 18.96 -11.63 -10.39
C VAL B 239 19.16 -10.80 -9.13
N THR B 240 20.24 -10.06 -9.06
CA THR B 240 20.58 -9.31 -7.85
C THR B 240 20.05 -7.88 -7.85
N SER B 241 19.92 -7.29 -9.03
CA SER B 241 19.62 -5.86 -9.15
C SER B 241 18.19 -5.58 -9.63
N LEU B 242 17.55 -4.58 -9.02
CA LEU B 242 16.24 -4.12 -9.50
C LEU B 242 16.30 -3.78 -10.99
N ASN B 243 17.45 -3.30 -11.46
CA ASN B 243 17.62 -2.91 -12.87
C ASN B 243 17.43 -4.06 -13.86
N ASP B 244 17.71 -5.28 -13.43
CA ASP B 244 17.55 -6.47 -14.28
C ASP B 244 16.27 -7.25 -14.00
N ALA B 245 15.47 -6.78 -13.05
CA ALA B 245 14.29 -7.53 -12.61
C ALA B 245 13.00 -7.21 -13.37
N HIS B 246 12.20 -8.24 -13.59
CA HIS B 246 10.85 -8.12 -14.12
C HIS B 246 9.84 -8.50 -13.04
N TYR B 247 10.30 -9.29 -12.07
CA TYR B 247 9.44 -9.77 -10.98
C TYR B 247 10.11 -9.69 -9.62
N VAL B 248 9.29 -9.58 -8.58
CA VAL B 248 9.79 -9.60 -7.20
C VAL B 248 8.78 -10.34 -6.33
N ILE B 249 9.22 -11.41 -5.65
CA ILE B 249 8.31 -12.24 -4.86
C ILE B 249 8.95 -12.71 -3.56
N GLY B 250 8.11 -13.22 -2.65
CA GLY B 250 8.60 -13.72 -1.37
C GLY B 250 9.53 -14.93 -1.51
N LYS B 251 10.41 -15.11 -0.52
CA LYS B 251 11.27 -16.28 -0.48
C LYS B 251 10.45 -17.57 -0.36
N ASP B 252 9.25 -17.45 0.20
CA ASP B 252 8.39 -18.60 0.42
C ASP B 252 7.50 -18.88 -0.78
N GLN B 253 7.68 -18.10 -1.85
CA GLN B 253 6.87 -18.24 -3.06
C GLN B 253 7.66 -18.75 -4.25
N GLN B 254 6.94 -19.12 -5.30
CA GLN B 254 7.56 -19.48 -6.57
C GLN B 254 6.85 -18.74 -7.69
N LEU B 255 7.55 -18.53 -8.79
CA LEU B 255 6.92 -18.03 -10.01
C LEU B 255 6.42 -19.23 -10.81
N PHE B 256 5.12 -19.50 -10.70
CA PHE B 256 4.53 -20.68 -11.33
C PHE B 256 4.03 -20.32 -12.72
N ASN B 257 4.58 -21.00 -13.73
CA ASN B 257 4.20 -20.73 -15.11
C ASN B 257 2.96 -21.51 -15.48
N LEU B 258 1.88 -20.77 -15.73
CA LEU B 258 0.66 -21.32 -16.28
C LEU B 258 0.32 -20.52 -17.52
N GLY B 259 0.23 -21.18 -18.67
CA GLY B 259 -0.17 -20.53 -19.90
C GLY B 259 0.71 -19.36 -20.32
N GLY B 260 2.00 -19.45 -19.99
CA GLY B 260 2.97 -18.43 -20.36
C GLY B 260 2.94 -17.20 -19.47
N LYS B 261 2.30 -17.31 -18.32
CA LYS B 261 2.20 -16.21 -17.37
C LYS B 261 2.64 -16.70 -15.98
N PHE B 262 3.32 -15.85 -15.22
CA PHE B 262 3.78 -16.22 -13.87
C PHE B 262 2.76 -15.86 -12.78
N TYR B 263 2.41 -16.85 -11.98
CA TYR B 263 1.55 -16.67 -10.81
C TYR B 263 2.37 -16.91 -9.56
N PRO B 264 2.35 -15.94 -8.63
CA PRO B 264 3.11 -16.11 -7.41
C PRO B 264 2.29 -16.89 -6.39
N ILE B 265 2.73 -18.10 -6.09
CA ILE B 265 2.03 -18.95 -5.15
C ILE B 265 3.05 -19.52 -4.19
N HIS B 266 2.60 -20.11 -3.09
CA HIS B 266 3.51 -20.72 -2.13
C HIS B 266 4.23 -21.90 -2.76
N LYS B 267 5.44 -22.19 -2.28
CA LYS B 267 6.19 -23.31 -2.84
CA LYS B 267 6.18 -23.30 -2.84
C LYS B 267 5.43 -24.62 -2.67
N GLU B 268 4.59 -24.71 -1.64
CA GLU B 268 3.84 -25.93 -1.40
C GLU B 268 2.53 -25.99 -2.18
N GLN B 269 2.33 -25.03 -3.08
CA GLN B 269 1.15 -25.03 -3.92
C GLN B 269 1.49 -25.27 -5.39
N LYS B 270 0.46 -25.56 -6.18
CA LYS B 270 0.56 -25.66 -7.63
C LYS B 270 -0.81 -25.31 -8.22
N ILE B 271 -0.86 -25.10 -9.54
CA ILE B 271 -2.15 -24.88 -10.19
C ILE B 271 -2.46 -26.03 -11.15
N LEU B 272 -3.69 -26.55 -11.09
CA LEU B 272 -4.15 -27.61 -11.98
C LEU B 272 -5.11 -27.04 -13.01
N GLU B 273 -4.93 -27.40 -14.28
CA GLU B 273 -5.89 -27.05 -15.32
C GLU B 273 -6.72 -28.28 -15.67
N LYS B 274 -8.04 -28.13 -15.71
CA LYS B 274 -8.92 -29.20 -16.20
C LYS B 274 -10.13 -28.65 -16.97
N ASP B 275 -10.14 -28.94 -18.27
CA ASP B 275 -11.22 -28.55 -19.16
C ASP B 275 -11.62 -27.09 -19.01
N GLY B 276 -10.63 -26.21 -18.94
CA GLY B 276 -10.92 -24.79 -18.88
C GLY B 276 -11.14 -24.22 -17.49
N LYS B 277 -11.13 -25.08 -16.47
CA LYS B 277 -11.16 -24.60 -15.10
C LYS B 277 -9.76 -24.69 -14.49
N PHE B 278 -9.48 -23.80 -13.53
CA PHE B 278 -8.16 -23.73 -12.90
C PHE B 278 -8.29 -23.77 -11.39
N TYR B 279 -7.46 -24.60 -10.76
CA TYR B 279 -7.59 -24.84 -9.32
C TYR B 279 -6.27 -24.62 -8.60
N LEU B 280 -6.25 -23.77 -7.57
CA LEU B 280 -5.07 -23.63 -6.73
C LEU B 280 -5.10 -24.70 -5.66
N LEU B 281 -4.07 -25.55 -5.62
CA LEU B 281 -4.06 -26.74 -4.78
C LEU B 281 -2.74 -26.93 -4.03
N LYS B 282 -2.76 -27.74 -2.98
CA LYS B 282 -1.49 -28.16 -2.37
C LYS B 282 -0.79 -29.20 -3.25
N GLN B 283 0.53 -29.33 -3.11
CA GLN B 283 1.31 -30.22 -3.98
C GLN B 283 0.77 -31.65 -4.03
N GLY B 284 0.24 -32.12 -2.90
CA GLY B 284 -0.22 -33.50 -2.77
C GLY B 284 -1.60 -33.78 -3.32
N GLU B 285 -2.32 -32.74 -3.73
CA GLU B 285 -3.67 -32.90 -4.28
C GLU B 285 -3.61 -33.03 -5.80
N ASP B 286 -4.66 -33.58 -6.39
CA ASP B 286 -4.83 -33.60 -7.84
C ASP B 286 -6.29 -33.82 -8.17
N TRP B 287 -6.61 -34.02 -9.44
CA TRP B 287 -8.02 -34.14 -9.80
C TRP B 287 -8.64 -35.33 -9.06
N GLU B 288 -7.90 -36.43 -8.97
CA GLU B 288 -8.43 -37.61 -8.30
C GLU B 288 -8.79 -37.31 -6.85
N SER B 289 -8.04 -36.42 -6.22
CA SER B 289 -8.24 -36.15 -4.81
C SER B 289 -9.36 -35.16 -4.52
N ILE B 290 -9.72 -34.34 -5.52
CA ILE B 290 -10.80 -33.36 -5.34
C ILE B 290 -12.11 -33.67 -6.09
N LYS B 291 -12.09 -34.69 -6.93
CA LYS B 291 -13.25 -34.95 -7.78
C LYS B 291 -14.51 -35.29 -6.98
N ASP B 292 -14.33 -35.81 -5.77
CA ASP B 292 -15.48 -36.20 -4.91
C ASP B 292 -16.01 -35.05 -4.05
N SER B 293 -15.43 -33.86 -4.21
CA SER B 293 -15.76 -32.75 -3.33
C SER B 293 -15.98 -31.44 -4.09
N PRO B 294 -17.25 -31.11 -4.38
CA PRO B 294 -17.54 -29.82 -5.02
C PRO B 294 -17.04 -28.65 -4.16
N GLU B 295 -17.02 -28.82 -2.85
CA GLU B 295 -16.56 -27.74 -1.97
C GLU B 295 -15.08 -27.45 -2.21
N LYS B 296 -14.28 -28.49 -2.28
CA LYS B 296 -12.84 -28.35 -2.58
C LYS B 296 -12.61 -27.70 -3.94
N GLN B 297 -13.34 -28.16 -4.95
CA GLN B 297 -13.23 -27.58 -6.28
C GLN B 297 -13.57 -26.10 -6.30
N LYS B 298 -14.67 -25.72 -5.67
CA LYS B 298 -15.08 -24.32 -5.68
C LYS B 298 -14.07 -23.41 -4.95
N LYS B 299 -13.59 -23.87 -3.81
CA LYS B 299 -12.62 -23.11 -3.03
C LYS B 299 -11.34 -22.96 -3.84
N ALA B 300 -10.88 -24.05 -4.46
CA ALA B 300 -9.63 -24.01 -5.22
C ALA B 300 -9.73 -23.08 -6.44
N GLU B 301 -10.90 -23.06 -7.08
CA GLU B 301 -11.14 -22.16 -8.20
C GLU B 301 -11.16 -20.72 -7.73
N HIS B 302 -11.83 -20.49 -6.61
CA HIS B 302 -11.90 -19.16 -6.04
C HIS B 302 -10.51 -18.67 -5.67
N ASP B 303 -9.71 -19.55 -5.06
CA ASP B 303 -8.36 -19.17 -4.67
C ASP B 303 -7.48 -18.87 -5.87
N PHE B 304 -7.68 -19.60 -6.97
CA PHE B 304 -6.94 -19.28 -8.19
C PHE B 304 -7.33 -17.89 -8.72
N HIS B 305 -8.64 -17.64 -8.74
CA HIS B 305 -9.20 -16.37 -9.21
C HIS B 305 -8.60 -15.18 -8.47
N LYS B 306 -8.37 -15.35 -7.16
CA LYS B 306 -7.83 -14.27 -6.32
C LYS B 306 -6.37 -13.91 -6.61
N LEU B 307 -5.63 -14.76 -7.31
CA LEU B 307 -4.21 -14.51 -7.52
C LEU B 307 -3.97 -13.21 -8.27
N GLN B 308 -4.90 -12.83 -9.14
CA GLN B 308 -4.74 -11.60 -9.90
C GLN B 308 -4.56 -10.36 -9.03
N TYR B 309 -4.99 -10.42 -7.77
CA TYR B 309 -4.92 -9.26 -6.87
C TYR B 309 -3.55 -9.04 -6.24
N GLU B 310 -2.61 -9.94 -6.52
CA GLU B 310 -1.27 -9.80 -5.93
C GLU B 310 -0.18 -9.97 -6.97
N THR B 311 -0.03 -8.99 -7.85
CA THR B 311 0.91 -9.14 -8.97
C THR B 311 2.34 -9.31 -8.49
N PRO B 312 3.11 -10.17 -9.17
CA PRO B 312 4.55 -10.35 -8.91
C PRO B 312 5.45 -9.39 -9.70
N MET B 313 4.86 -8.56 -10.55
CA MET B 313 5.64 -7.65 -11.39
C MET B 313 6.34 -6.57 -10.59
N THR B 314 7.50 -6.15 -11.07
CA THR B 314 8.15 -4.96 -10.52
C THR B 314 7.29 -3.74 -10.82
N VAL B 315 7.56 -2.64 -10.13
CA VAL B 315 6.71 -1.46 -10.27
C VAL B 315 6.69 -0.97 -11.72
N LYS B 316 7.84 -0.95 -12.38
CA LYS B 316 7.94 -0.42 -13.75
C LYS B 316 7.12 -1.26 -14.73
N LYS B 317 7.19 -2.57 -14.60
CA LYS B 317 6.44 -3.47 -15.46
C LYS B 317 4.93 -3.36 -15.19
N LEU B 318 4.57 -3.30 -13.91
CA LEU B 318 3.17 -3.15 -13.53
C LEU B 318 2.59 -1.86 -14.13
N VAL B 319 3.32 -0.76 -14.00
CA VAL B 319 2.81 0.50 -14.54
C VAL B 319 2.56 0.40 -16.05
N HIS B 320 3.48 -0.21 -16.76
CA HIS B 320 3.29 -0.41 -18.20
C HIS B 320 2.07 -1.30 -18.50
N HIS B 321 1.91 -2.37 -17.72
CA HIS B 321 0.76 -3.26 -17.89
C HIS B 321 -0.57 -2.53 -17.64
N ASN B 322 -0.63 -1.76 -16.57
CA ASN B 322 -1.87 -1.05 -16.22
C ASN B 322 -2.21 0.01 -17.25
N LYS B 323 -1.18 0.67 -17.78
CA LYS B 323 -1.38 1.70 -18.80
C LYS B 323 -2.13 1.12 -19.98
N GLY B 324 -1.65 -0.03 -20.47
CA GLY B 324 -2.30 -0.73 -21.56
C GLY B 324 -3.74 -1.05 -21.28
N LEU B 325 -4.01 -1.61 -20.10
CA LEU B 325 -5.37 -2.00 -19.72
C LEU B 325 -6.29 -0.79 -19.60
N GLU B 326 -5.84 0.23 -18.88
CA GLU B 326 -6.68 1.39 -18.67
C GLU B 326 -6.99 2.09 -19.98
N THR B 327 -5.99 2.21 -20.83
CA THR B 327 -6.15 2.89 -22.11
C THR B 327 -7.17 2.13 -22.96
N THR B 328 -7.07 0.80 -22.94
CA THR B 328 -7.96 -0.02 -23.75
C THR B 328 -9.42 0.14 -23.31
N ILE B 329 -9.64 0.10 -22.00
CA ILE B 329 -10.99 0.26 -21.47
C ILE B 329 -11.56 1.63 -21.83
N HIS B 330 -10.75 2.68 -21.66
CA HIS B 330 -11.22 4.01 -22.01
C HIS B 330 -11.58 4.12 -23.49
N LYS B 331 -10.69 3.62 -24.35
CA LYS B 331 -10.91 3.69 -25.79
C LYS B 331 -12.19 2.97 -26.20
N GLU B 332 -12.44 1.82 -25.57
CA GLU B 332 -13.68 1.06 -25.80
C GLU B 332 -14.91 1.87 -25.47
N ARG B 333 -14.90 2.53 -24.32
CA ARG B 333 -16.02 3.34 -23.88
C ARG B 333 -16.26 4.53 -24.80
N ILE B 334 -15.18 5.20 -25.19
CA ILE B 334 -15.25 6.34 -26.11
C ILE B 334 -15.79 5.91 -27.47
N GLU B 335 -15.29 4.77 -27.94
CA GLU B 335 -15.67 4.26 -29.25
C GLU B 335 -17.16 3.94 -29.30
N GLU B 336 -17.65 3.29 -28.24
CA GLU B 336 -19.06 3.00 -28.14
C GLU B 336 -19.91 4.28 -28.11
N LEU B 337 -19.44 5.27 -27.35
CA LEU B 337 -20.17 6.53 -27.22
C LEU B 337 -20.21 7.30 -28.52
N GLU B 338 -19.08 7.31 -29.24
CA GLU B 338 -18.97 8.08 -30.47
C GLU B 338 -19.72 7.47 -31.64
N HIS B 339 -19.88 6.15 -31.61
CA HIS B 339 -20.29 5.44 -32.82
C HIS B 339 -21.62 4.71 -32.76
N HIS B 340 -21.95 4.14 -31.59
CA HIS B 340 -23.09 3.25 -31.53
C HIS B 340 -24.39 3.93 -31.98
N HIS B 341 -24.57 5.18 -31.59
CA HIS B 341 -25.82 5.87 -31.88
C HIS B 341 -26.01 6.12 -33.38
N HIS B 342 -24.91 6.08 -34.14
CA HIS B 342 -24.98 6.31 -35.58
C HIS B 342 -25.77 5.23 -36.33
N HIS B 343 -25.90 4.06 -35.70
CA HIS B 343 -26.57 2.93 -36.34
C HIS B 343 -27.95 2.66 -35.74
#